data_6D21
#
_entry.id   6D21
#
_cell.length_a   35.377
_cell.length_b   82.723
_cell.length_c   96.015
_cell.angle_alpha   90.00
_cell.angle_beta   90.00
_cell.angle_gamma   90.00
#
_symmetry.space_group_name_H-M   'P 21 21 21'
#
loop_
_entity.id
_entity.type
_entity.pdbx_description
1 polymer 'FERM, RhoGEF and pleckstrin domain protein 2'
2 water water
#
_entity_poly.entity_id   1
_entity_poly.type   'polypeptide(L)'
_entity_poly.pdbx_seq_one_letter_code
;SKGLQIRVQGLDEAQEFYELESKADGQLLLSDVFRRINLIESDYFGLEFQNLQMNWVWLDPSKLIVKQVRRPMNTLFRLS
VKFFPPDPGQLQEEFTRYLFSLQIKRDLLDGRLSCTENTAALLASHLVQSEIGDYDDLADREFLKMNKLLPCQEHVQEKI
MELHRRHTGQTPAESDFQVLEIARKLEMFGVRFHPAADREGTKINLAVAHMGLQVFQGHTKINTFNWSKIRKLSFKRKRF
LIKLHPEVHGPHQDTLEFLMGSRDQCKIFWKNCVEHHSFFRLLDQPQPKSKAIFFSRGSSFRYSGRTQKQLVEYVRDSGL
RRTPYQRRNSKIR
;
_entity_poly.pdbx_strand_id   A
#
# COMPACT_ATOMS: atom_id res chain seq x y z
N LYS A 2 14.23 -3.17 -30.05
CA LYS A 2 15.39 -2.91 -29.22
C LYS A 2 15.24 -3.56 -27.84
N GLY A 3 16.20 -3.31 -26.97
CA GLY A 3 16.16 -3.82 -25.61
C GLY A 3 16.15 -2.69 -24.62
N LEU A 4 15.48 -2.90 -23.48
CA LEU A 4 15.35 -1.85 -22.46
C LEU A 4 16.02 -2.22 -21.16
N GLN A 5 16.46 -1.20 -20.43
CA GLN A 5 17.00 -1.40 -19.10
C GLN A 5 16.17 -0.61 -18.10
N ILE A 6 15.48 -1.33 -17.22
CA ILE A 6 14.53 -0.72 -16.32
C ILE A 6 15.00 -0.88 -14.88
N ARG A 7 14.88 0.20 -14.13
CA ARG A 7 15.33 0.28 -12.76
C ARG A 7 14.15 0.10 -11.82
N VAL A 8 14.23 -0.88 -10.94
CA VAL A 8 13.13 -1.12 -10.02
C VAL A 8 13.61 -1.09 -8.57
N GLN A 9 12.98 -0.25 -7.78
CA GLN A 9 13.28 -0.18 -6.36
C GLN A 9 12.48 -1.20 -5.57
N GLY A 10 13.16 -2.03 -4.77
CA GLY A 10 12.48 -3.03 -3.98
C GLY A 10 11.81 -2.41 -2.76
N LEU A 11 11.06 -3.21 -2.00
CA LEU A 11 10.46 -2.71 -0.78
C LEU A 11 11.54 -2.44 0.27
N ASP A 12 12.69 -3.07 0.11
CA ASP A 12 13.82 -2.84 1.00
C ASP A 12 14.63 -1.63 0.56
N GLU A 13 14.08 -0.88 -0.39
CA GLU A 13 14.66 0.34 -0.97
C GLU A 13 15.89 0.11 -1.86
N ALA A 14 16.34 -1.14 -1.95
CA ALA A 14 17.42 -1.51 -2.86
C ALA A 14 16.97 -1.53 -4.33
N GLN A 15 17.69 -0.81 -5.18
CA GLN A 15 17.36 -0.75 -6.60
C GLN A 15 18.15 -1.76 -7.43
N GLU A 16 17.42 -2.53 -8.22
CA GLU A 16 18.03 -3.44 -9.19
C GLU A 16 17.65 -3.07 -10.62
N PHE A 17 18.45 -3.52 -11.57
CA PHE A 17 18.23 -3.24 -12.98
C PHE A 17 17.80 -4.48 -13.76
N TYR A 18 16.82 -4.28 -14.64
CA TYR A 18 16.21 -5.35 -15.40
C TYR A 18 16.33 -5.11 -16.87
N GLU A 19 16.87 -6.08 -17.59
CA GLU A 19 16.96 -5.97 -19.03
C GLU A 19 15.81 -6.71 -19.69
N LEU A 20 15.07 -5.97 -20.51
CA LEU A 20 13.86 -6.46 -21.16
C LEU A 20 13.82 -6.00 -22.59
N GLU A 21 13.15 -6.74 -23.45
CA GLU A 21 12.99 -6.30 -24.83
C GLU A 21 11.99 -5.15 -24.87
N SER A 22 12.07 -4.34 -25.93
CA SER A 22 11.22 -3.16 -26.09
C SER A 22 9.75 -3.52 -26.32
N LYS A 23 9.48 -4.80 -26.60
CA LYS A 23 8.11 -5.26 -26.82
C LYS A 23 7.44 -5.69 -25.52
N ALA A 24 8.13 -5.53 -24.40
CA ALA A 24 7.66 -6.09 -23.13
C ALA A 24 6.36 -5.48 -22.59
N ASP A 25 5.45 -6.34 -22.16
CA ASP A 25 4.27 -5.93 -21.43
C ASP A 25 4.66 -5.55 -20.00
N GLY A 26 3.70 -5.11 -19.21
CA GLY A 26 3.98 -4.88 -17.81
C GLY A 26 4.19 -6.20 -17.09
N GLN A 27 3.54 -7.25 -17.57
CA GLN A 27 3.55 -8.55 -16.91
C GLN A 27 4.95 -9.18 -16.91
N LEU A 28 5.68 -8.98 -18.01
CA LEU A 28 7.04 -9.49 -18.14
C LEU A 28 7.97 -8.88 -17.08
N LEU A 29 7.88 -7.57 -16.89
CA LEU A 29 8.69 -6.92 -15.86
C LEU A 29 8.32 -7.40 -14.45
N LEU A 30 7.01 -7.51 -14.18
CA LEU A 30 6.53 -8.05 -12.90
C LEU A 30 7.08 -9.43 -12.64
N SER A 31 7.00 -10.30 -13.65
CA SER A 31 7.48 -11.66 -13.51
C SER A 31 8.98 -11.71 -13.25
N ASP A 32 9.75 -10.91 -14.00
CA ASP A 32 11.19 -10.86 -13.81
C ASP A 32 11.56 -10.33 -12.42
N VAL A 33 10.81 -9.36 -11.91
CA VAL A 33 11.06 -8.85 -10.56
C VAL A 33 10.76 -9.94 -9.53
N PHE A 34 9.59 -10.56 -9.64
CA PHE A 34 9.22 -11.66 -8.74
C PHE A 34 10.27 -12.80 -8.77
N ARG A 35 10.79 -13.13 -9.95
CA ARG A 35 11.83 -14.16 -10.04
C ARG A 35 13.15 -13.70 -9.42
N ARG A 36 13.54 -12.47 -9.68
CA ARG A 36 14.80 -11.96 -9.18
C ARG A 36 14.85 -12.05 -7.65
N ILE A 37 13.78 -11.63 -6.97
CA ILE A 37 13.78 -11.64 -5.51
C ILE A 37 13.09 -12.91 -4.95
N ASN A 38 12.74 -13.82 -5.85
CA ASN A 38 12.13 -15.11 -5.48
C ASN A 38 10.89 -14.90 -4.61
N LEU A 39 9.97 -14.06 -5.06
CA LEU A 39 8.73 -13.80 -4.37
C LEU A 39 7.68 -14.84 -4.78
N ILE A 40 7.40 -15.81 -3.90
CA ILE A 40 6.44 -16.87 -4.24
C ILE A 40 4.99 -16.37 -4.12
N GLU A 41 4.66 -15.68 -3.03
CA GLU A 41 3.30 -15.15 -2.86
C GLU A 41 3.17 -13.76 -3.48
N SER A 42 3.29 -13.74 -4.81
CA SER A 42 3.48 -12.49 -5.55
C SER A 42 2.16 -11.78 -5.92
N ASP A 43 1.04 -12.48 -5.80
CA ASP A 43 -0.23 -11.94 -6.24
C ASP A 43 -0.69 -10.70 -5.48
N TYR A 44 -0.22 -10.53 -4.24
CA TYR A 44 -0.58 -9.33 -3.47
C TYR A 44 0.15 -8.07 -3.93
N PHE A 45 1.16 -8.23 -4.80
CA PHE A 45 2.10 -7.14 -5.12
C PHE A 45 1.96 -6.65 -6.56
N GLY A 46 2.38 -5.42 -6.81
CA GLY A 46 2.45 -4.90 -8.16
C GLY A 46 3.61 -3.92 -8.25
N LEU A 47 3.72 -3.26 -9.38
CA LEU A 47 4.75 -2.26 -9.59
C LEU A 47 4.08 -0.90 -9.86
N GLU A 48 4.58 0.16 -9.24
CA GLU A 48 4.19 1.49 -9.65
C GLU A 48 5.40 2.26 -10.18
N PHE A 49 5.14 3.29 -10.96
CA PHE A 49 6.21 4.14 -11.47
C PHE A 49 5.84 5.60 -11.25
N GLN A 50 6.84 6.47 -11.35
CA GLN A 50 6.61 7.90 -11.15
C GLN A 50 6.39 8.57 -12.50
N ASN A 51 5.24 9.21 -12.69
CA ASN A 51 5.00 9.95 -13.92
C ASN A 51 5.77 11.27 -13.91
N LEU A 52 5.60 12.13 -14.91
CA LEU A 52 6.47 13.31 -14.98
C LEU A 52 6.06 14.39 -13.98
N GLN A 53 4.85 14.28 -13.40
CA GLN A 53 4.53 15.12 -12.26
C GLN A 53 4.89 14.45 -10.94
N MET A 54 5.68 13.38 -11.04
CA MET A 54 6.29 12.69 -9.89
C MET A 54 5.27 12.10 -8.93
N ASN A 55 4.07 11.87 -9.42
CA ASN A 55 3.10 11.05 -8.70
C ASN A 55 3.22 9.58 -9.10
N TRP A 56 2.95 8.69 -8.14
CA TRP A 56 3.06 7.24 -8.37
C TRP A 56 1.80 6.65 -9.01
N VAL A 57 2.00 5.92 -10.11
CA VAL A 57 0.92 5.33 -10.90
C VAL A 57 1.16 3.82 -10.96
N TRP A 58 0.11 3.00 -11.02
CA TRP A 58 0.31 1.55 -11.15
C TRP A 58 0.69 1.16 -12.56
N LEU A 59 1.64 0.25 -12.68
CA LEU A 59 1.93 -0.36 -13.97
C LEU A 59 0.83 -1.35 -14.34
N ASP A 60 0.25 -1.15 -15.51
CA ASP A 60 -0.72 -2.07 -16.08
C ASP A 60 0.00 -3.25 -16.73
N PRO A 61 -0.22 -4.46 -16.20
CA PRO A 61 0.52 -5.64 -16.70
C PRO A 61 0.15 -6.06 -18.13
N SER A 62 -0.97 -5.57 -18.65
CA SER A 62 -1.44 -6.05 -19.95
C SER A 62 -1.04 -5.14 -21.10
N LYS A 63 -0.56 -3.95 -20.76
CA LYS A 63 -0.11 -2.98 -21.74
C LYS A 63 1.42 -2.99 -21.88
N LEU A 64 1.89 -2.56 -23.04
CA LEU A 64 3.31 -2.36 -23.28
C LEU A 64 3.84 -1.31 -22.33
N ILE A 65 5.03 -1.55 -21.80
CA ILE A 65 5.63 -0.59 -20.90
C ILE A 65 5.86 0.74 -21.61
N VAL A 66 6.37 0.67 -22.85
CA VAL A 66 6.68 1.89 -23.61
C VAL A 66 5.45 2.74 -23.93
N LYS A 67 4.27 2.14 -23.84
CA LYS A 67 3.03 2.86 -24.01
C LYS A 67 2.51 3.49 -22.71
N GLN A 68 3.18 3.23 -21.59
CA GLN A 68 2.71 3.74 -20.30
C GLN A 68 3.64 4.81 -19.73
N VAL A 69 4.91 4.75 -20.12
CA VAL A 69 5.94 5.62 -19.57
C VAL A 69 6.79 6.24 -20.67
N ARG A 70 7.13 7.52 -20.53
CA ARG A 70 7.83 8.24 -21.59
C ARG A 70 9.29 7.83 -21.78
N ARG A 71 10.08 7.93 -20.71
CA ARG A 71 11.48 7.53 -20.71
C ARG A 71 11.64 6.34 -19.78
N PRO A 72 11.38 5.12 -20.26
CA PRO A 72 11.40 3.96 -19.37
C PRO A 72 12.77 3.76 -18.71
N MET A 73 13.83 4.13 -19.41
CA MET A 73 15.20 4.02 -18.91
C MET A 73 15.49 5.01 -17.78
N ASN A 74 14.82 6.15 -17.78
CA ASN A 74 15.01 7.16 -16.73
C ASN A 74 13.92 7.16 -15.64
N THR A 75 12.98 6.24 -15.74
CA THR A 75 11.85 6.23 -14.80
C THR A 75 12.06 5.27 -13.64
N LEU A 76 11.72 5.72 -12.44
CA LEU A 76 11.81 4.88 -11.27
C LEU A 76 10.53 4.06 -11.12
N PHE A 77 10.71 2.75 -11.02
CA PHE A 77 9.63 1.82 -10.64
C PHE A 77 9.89 1.32 -9.25
N ARG A 78 8.83 0.92 -8.54
CA ARG A 78 9.03 0.34 -7.24
C ARG A 78 8.01 -0.77 -6.97
N LEU A 79 8.45 -1.78 -6.23
CA LEU A 79 7.57 -2.83 -5.76
C LEU A 79 6.64 -2.28 -4.67
N SER A 80 5.35 -2.62 -4.73
CA SER A 80 4.38 -2.16 -3.74
C SER A 80 3.32 -3.23 -3.50
N VAL A 81 2.77 -3.26 -2.29
CA VAL A 81 1.57 -4.10 -2.03
C VAL A 81 0.39 -3.48 -2.78
N LYS A 82 -0.29 -4.26 -3.59
CA LYS A 82 -1.49 -3.80 -4.29
C LYS A 82 -2.76 -4.20 -3.51
N PHE A 83 -2.75 -5.41 -2.96
CA PHE A 83 -3.90 -5.97 -2.24
C PHE A 83 -3.53 -6.35 -0.82
N PHE A 84 -4.13 -5.68 0.17
CA PHE A 84 -3.82 -6.00 1.56
C PHE A 84 -4.83 -7.04 2.07
N PRO A 85 -4.35 -8.20 2.52
CA PRO A 85 -5.30 -9.18 3.07
C PRO A 85 -5.67 -8.80 4.48
N PRO A 86 -6.77 -9.35 5.01
CA PRO A 86 -7.18 -8.99 6.37
C PRO A 86 -6.09 -9.28 7.42
N ASP A 87 -5.26 -10.31 7.21
CA ASP A 87 -4.22 -10.59 8.20
C ASP A 87 -2.94 -11.10 7.55
N PRO A 88 -2.03 -10.19 7.22
CA PRO A 88 -0.77 -10.56 6.56
C PRO A 88 0.10 -11.46 7.42
N GLY A 89 -0.14 -11.45 8.73
CA GLY A 89 0.50 -12.35 9.65
C GLY A 89 0.19 -13.81 9.31
N GLN A 90 -0.86 -14.04 8.54
CA GLN A 90 -1.21 -15.42 8.17
C GLN A 90 -0.68 -15.81 6.80
N LEU A 91 0.09 -14.93 6.18
CA LEU A 91 0.77 -15.32 4.96
C LEU A 91 1.79 -16.39 5.30
N GLN A 92 1.93 -17.36 4.39
CA GLN A 92 2.71 -18.58 4.62
C GLN A 92 4.21 -18.37 4.67
N GLU A 93 4.73 -17.47 3.84
CA GLU A 93 6.19 -17.36 3.74
C GLU A 93 6.74 -16.22 4.58
N GLU A 94 7.85 -16.50 5.25
CA GLU A 94 8.55 -15.53 6.04
C GLU A 94 8.93 -14.31 5.19
N PHE A 95 9.35 -14.56 3.95
CA PHE A 95 9.77 -13.47 3.07
C PHE A 95 8.61 -12.56 2.71
N THR A 96 7.44 -13.15 2.50
CA THR A 96 6.26 -12.35 2.17
C THR A 96 5.88 -11.46 3.32
N ARG A 97 5.93 -12.00 4.54
CA ARG A 97 5.62 -11.23 5.75
C ARG A 97 6.65 -10.12 5.94
N TYR A 98 7.91 -10.41 5.62
CA TYR A 98 8.97 -9.42 5.63
C TYR A 98 8.65 -8.24 4.71
N LEU A 99 8.23 -8.56 3.48
CA LEU A 99 7.87 -7.54 2.51
C LEU A 99 6.71 -6.72 3.00
N PHE A 100 5.72 -7.37 3.61
CA PHE A 100 4.61 -6.59 4.17
C PHE A 100 5.06 -5.68 5.30
N SER A 101 5.96 -6.14 6.17
CA SER A 101 6.47 -5.25 7.22
C SER A 101 7.24 -4.03 6.61
N LEU A 102 7.92 -4.25 5.50
CA LEU A 102 8.59 -3.14 4.79
C LEU A 102 7.58 -2.21 4.13
N GLN A 103 6.44 -2.73 3.72
CA GLN A 103 5.39 -1.85 3.18
C GLN A 103 4.85 -0.94 4.29
N ILE A 104 4.63 -1.51 5.46
CA ILE A 104 4.22 -0.71 6.62
C ILE A 104 5.28 0.33 6.96
N LYS A 105 6.53 -0.10 6.95
CA LYS A 105 7.65 0.80 7.22
C LYS A 105 7.57 2.00 6.27
N ARG A 106 7.32 1.73 4.99
CA ARG A 106 7.18 2.78 3.98
C ARG A 106 5.99 3.72 4.24
N ASP A 107 4.85 3.13 4.52
CA ASP A 107 3.61 3.87 4.75
C ASP A 107 3.73 4.74 6.01
N LEU A 108 4.45 4.24 7.00
CA LEU A 108 4.61 4.96 8.28
C LEU A 108 5.43 6.21 8.04
N LEU A 109 6.51 6.07 7.29
CA LEU A 109 7.37 7.20 7.01
C LEU A 109 6.74 8.23 6.09
N ASP A 110 5.96 7.80 5.10
CA ASP A 110 5.47 8.79 4.15
C ASP A 110 4.05 9.27 4.49
N GLY A 111 3.54 8.77 5.62
CA GLY A 111 2.32 9.30 6.21
C GLY A 111 1.03 8.69 5.72
N ARG A 112 1.11 7.68 4.86
CA ARG A 112 -0.09 6.97 4.44
C ARG A 112 -0.71 6.32 5.67
N LEU A 113 0.14 5.68 6.46
CA LEU A 113 -0.32 5.04 7.69
C LEU A 113 -0.30 6.05 8.83
N SER A 114 -1.35 6.83 8.97
CA SER A 114 -1.43 7.73 10.12
C SER A 114 -2.02 6.96 11.30
N CYS A 115 -1.51 7.28 12.50
CA CYS A 115 -1.94 6.63 13.73
C CYS A 115 -1.52 7.50 14.90
N THR A 116 -1.81 7.09 16.13
CA THR A 116 -1.40 7.87 17.29
C THR A 116 0.12 7.83 17.40
N GLU A 117 0.68 8.77 18.15
CA GLU A 117 2.12 8.81 18.36
C GLU A 117 2.64 7.56 19.08
N ASN A 118 1.91 7.10 20.11
CA ASN A 118 2.31 5.91 20.85
C ASN A 118 2.33 4.64 19.99
N THR A 119 1.36 4.52 19.10
CA THR A 119 1.33 3.39 18.18
C THR A 119 2.47 3.48 17.15
N ALA A 120 2.73 4.69 16.66
CA ALA A 120 3.86 4.88 15.76
C ALA A 120 5.15 4.46 16.43
N ALA A 121 5.33 4.90 17.66
CA ALA A 121 6.54 4.59 18.42
C ALA A 121 6.71 3.08 18.62
N LEU A 122 5.58 2.40 18.86
CA LEU A 122 5.59 0.96 19.09
C LEU A 122 5.95 0.20 17.81
N LEU A 123 5.34 0.57 16.69
CA LEU A 123 5.73 0.03 15.40
C LEU A 123 7.21 0.28 15.13
N ALA A 124 7.68 1.50 15.35
CA ALA A 124 9.07 1.82 15.09
C ALA A 124 10.01 0.99 15.99
N SER A 125 9.59 0.75 17.22
CA SER A 125 10.44 0.00 18.17
C SER A 125 10.63 -1.43 17.71
N HIS A 126 9.60 -2.05 17.13
CA HIS A 126 9.75 -3.38 16.53
C HIS A 126 10.57 -3.36 15.25
N LEU A 127 10.41 -2.30 14.46
CA LEU A 127 11.20 -2.13 13.27
C LEU A 127 12.69 -2.00 13.63
N VAL A 128 13.00 -1.34 14.73
CA VAL A 128 14.39 -1.22 15.16
C VAL A 128 14.90 -2.61 15.59
N GLN A 129 14.07 -3.36 16.30
CA GLN A 129 14.46 -4.69 16.76
C GLN A 129 14.79 -5.55 15.56
N SER A 130 13.99 -5.44 14.50
CA SER A 130 14.18 -6.27 13.32
C SER A 130 15.47 -5.97 12.56
N GLU A 131 15.87 -4.72 12.49
CA GLU A 131 17.06 -4.36 11.72
C GLU A 131 18.37 -4.57 12.50
N ILE A 132 18.42 -4.10 13.74
CA ILE A 132 19.66 -4.05 14.50
C ILE A 132 19.68 -4.84 15.82
N GLY A 133 18.60 -5.56 16.12
CA GLY A 133 18.62 -6.46 17.27
C GLY A 133 18.28 -5.85 18.62
N ASP A 134 18.84 -6.39 19.69
CA ASP A 134 18.49 -6.00 21.06
C ASP A 134 18.80 -4.53 21.40
N TYR A 135 18.16 -4.02 22.45
CA TYR A 135 18.39 -2.63 22.89
C TYR A 135 19.82 -2.38 23.36
N ASP A 136 20.39 -1.31 22.83
CA ASP A 136 21.69 -0.78 23.27
C ASP A 136 21.56 0.73 23.22
N ASP A 137 21.90 1.41 24.31
CA ASP A 137 21.76 2.86 24.39
C ASP A 137 22.43 3.56 23.21
N LEU A 138 23.72 3.28 23.02
CA LEU A 138 24.53 3.96 22.01
C LEU A 138 24.15 3.59 20.57
N ALA A 139 23.87 2.31 20.32
CA ALA A 139 23.53 1.84 18.97
C ALA A 139 22.14 2.28 18.53
N ASP A 140 21.22 2.41 19.48
CA ASP A 140 19.87 2.87 19.16
C ASP A 140 19.87 4.35 18.78
N ARG A 141 20.61 5.16 19.52
CA ARG A 141 20.69 6.58 19.22
C ARG A 141 21.40 6.82 17.88
N GLU A 142 22.43 6.03 17.60
CA GLU A 142 23.15 6.12 16.33
C GLU A 142 22.24 5.73 15.17
N PHE A 143 21.49 4.65 15.34
CA PHE A 143 20.56 4.19 14.32
C PHE A 143 19.49 5.24 14.01
N LEU A 144 18.91 5.83 15.05
CA LEU A 144 17.80 6.76 14.87
C LEU A 144 18.26 8.11 14.33
N LYS A 145 19.52 8.44 14.57
CA LYS A 145 20.14 9.62 13.94
C LYS A 145 20.25 9.46 12.42
N MET A 146 20.56 8.25 11.96
CA MET A 146 20.83 8.00 10.54
C MET A 146 19.72 7.26 9.81
N ASN A 147 18.69 6.84 10.53
CA ASN A 147 17.51 6.23 9.90
C ASN A 147 16.22 6.94 10.30
N LYS A 148 15.41 7.33 9.33
CA LYS A 148 14.15 7.96 9.67
C LYS A 148 13.00 6.97 9.48
N LEU A 149 12.25 6.76 10.55
CA LEU A 149 11.13 5.81 10.54
C LEU A 149 9.80 6.54 10.62
N LEU A 150 9.81 7.71 11.25
CA LEU A 150 8.60 8.51 11.46
C LEU A 150 8.75 9.88 10.81
N PRO A 151 7.65 10.45 10.30
CA PRO A 151 7.72 11.77 9.66
C PRO A 151 8.26 12.85 10.61
N CYS A 152 7.80 12.87 11.86
CA CYS A 152 8.32 13.79 12.88
C CYS A 152 8.91 12.98 14.02
N GLN A 153 10.11 12.45 13.80
CA GLN A 153 10.66 11.44 14.69
C GLN A 153 11.39 11.97 15.94
N GLU A 154 11.94 13.18 15.86
CA GLU A 154 12.84 13.64 16.91
C GLU A 154 12.27 13.53 18.33
N HIS A 155 11.06 14.02 18.55
CA HIS A 155 10.52 14.07 19.91
C HIS A 155 9.91 12.73 20.37
N VAL A 156 9.94 11.74 19.48
CA VAL A 156 9.37 10.42 19.75
C VAL A 156 10.49 9.40 19.97
N GLN A 157 11.73 9.84 19.79
CA GLN A 157 12.84 8.90 19.77
C GLN A 157 13.04 8.25 21.13
N GLU A 158 12.86 9.01 22.20
CA GLU A 158 12.99 8.46 23.55
C GLU A 158 11.96 7.36 23.80
N LYS A 159 10.72 7.60 23.37
CA LYS A 159 9.69 6.59 23.52
C LYS A 159 9.97 5.35 22.69
N ILE A 160 10.44 5.56 21.47
CA ILE A 160 10.83 4.45 20.62
C ILE A 160 11.87 3.56 21.31
N MET A 161 12.87 4.18 21.94
CA MET A 161 13.96 3.41 22.55
C MET A 161 13.49 2.73 23.82
N GLU A 162 12.70 3.45 24.61
CA GLU A 162 12.07 2.91 25.80
C GLU A 162 11.32 1.63 25.47
N LEU A 163 10.47 1.67 24.45
CA LEU A 163 9.71 0.51 24.04
C LEU A 163 10.62 -0.61 23.49
N HIS A 164 11.70 -0.23 22.82
CA HIS A 164 12.64 -1.20 22.26
C HIS A 164 13.31 -2.05 23.36
N ARG A 165 13.36 -1.54 24.58
CA ARG A 165 13.92 -2.29 25.72
C ARG A 165 13.11 -3.54 26.03
N ARG A 166 11.84 -3.56 25.62
CA ARG A 166 10.97 -4.70 25.88
C ARG A 166 11.21 -5.89 24.95
N HIS A 167 11.83 -5.65 23.79
CA HIS A 167 11.83 -6.65 22.74
C HIS A 167 13.10 -7.49 22.72
N THR A 168 13.75 -7.62 23.88
CA THR A 168 15.03 -8.33 23.95
C THR A 168 14.90 -9.78 23.49
N GLY A 169 15.82 -10.20 22.62
CA GLY A 169 15.85 -11.57 22.15
C GLY A 169 14.99 -11.88 20.93
N GLN A 170 14.13 -10.95 20.53
CA GLN A 170 13.25 -11.23 19.40
C GLN A 170 13.98 -11.16 18.06
N THR A 171 13.78 -12.21 17.27
CA THR A 171 14.39 -12.35 15.95
C THR A 171 13.74 -11.40 14.97
N PRO A 172 14.41 -11.14 13.81
CA PRO A 172 13.78 -10.35 12.74
C PRO A 172 12.42 -10.88 12.27
N ALA A 173 12.27 -12.19 12.16
CA ALA A 173 10.99 -12.76 11.73
C ALA A 173 9.90 -12.54 12.77
N GLU A 174 10.25 -12.68 14.05
CA GLU A 174 9.28 -12.41 15.12
C GLU A 174 8.92 -10.93 15.16
N SER A 175 9.91 -10.07 14.93
CA SER A 175 9.67 -8.63 14.86
C SER A 175 8.73 -8.28 13.73
N ASP A 176 8.96 -8.86 12.55
CA ASP A 176 8.06 -8.64 11.42
C ASP A 176 6.63 -9.02 11.78
N PHE A 177 6.48 -10.14 12.49
CA PHE A 177 5.17 -10.61 12.87
C PHE A 177 4.44 -9.61 13.78
N GLN A 178 5.16 -9.05 14.76
CA GLN A 178 4.60 -8.05 15.67
C GLN A 178 4.19 -6.80 14.91
N VAL A 179 5.01 -6.40 13.96
CA VAL A 179 4.67 -5.21 13.16
C VAL A 179 3.35 -5.46 12.44
N LEU A 180 3.21 -6.63 11.81
CA LEU A 180 1.98 -6.94 11.09
C LEU A 180 0.77 -7.03 12.02
N GLU A 181 0.93 -7.69 13.16
CA GLU A 181 -0.19 -7.84 14.09
C GLU A 181 -0.68 -6.49 14.62
N ILE A 182 0.25 -5.57 14.88
CA ILE A 182 -0.11 -4.22 15.35
C ILE A 182 -0.82 -3.47 14.22
N ALA A 183 -0.19 -3.49 13.05
CA ALA A 183 -0.65 -2.64 11.96
C ALA A 183 -2.01 -3.08 11.43
N ARG A 184 -2.25 -4.39 11.37
CA ARG A 184 -3.48 -4.86 10.77
C ARG A 184 -4.70 -4.43 11.58
N LYS A 185 -4.47 -3.97 12.81
CA LYS A 185 -5.58 -3.56 13.67
C LYS A 185 -5.82 -2.06 13.65
N LEU A 186 -5.12 -1.36 12.76
CA LEU A 186 -5.27 0.09 12.63
C LEU A 186 -6.23 0.44 11.52
N GLU A 187 -7.02 1.48 11.75
CA GLU A 187 -8.02 1.93 10.80
C GLU A 187 -7.44 2.29 9.45
N MET A 188 -6.23 2.85 9.46
CA MET A 188 -5.61 3.29 8.21
C MET A 188 -4.74 2.25 7.49
N PHE A 189 -4.63 1.05 8.05
CA PHE A 189 -3.83 -0.01 7.45
C PHE A 189 -4.36 -0.38 6.07
N GLY A 190 -3.49 -0.30 5.06
CA GLY A 190 -3.86 -0.66 3.70
C GLY A 190 -4.72 0.40 3.01
N VAL A 191 -4.98 1.50 3.70
CA VAL A 191 -5.90 2.51 3.15
C VAL A 191 -5.21 3.44 2.13
N ARG A 192 -5.83 3.61 0.96
CA ARG A 192 -5.39 4.61 0.00
C ARG A 192 -6.55 5.49 -0.44
N PHE A 193 -6.47 6.77 -0.12
CA PHE A 193 -7.58 7.70 -0.33
C PHE A 193 -7.72 8.11 -1.79
N HIS A 194 -8.97 8.17 -2.23
CA HIS A 194 -9.34 8.80 -3.49
C HIS A 194 -10.34 9.89 -3.13
N PRO A 195 -9.92 11.17 -3.22
CA PRO A 195 -10.78 12.28 -2.79
C PRO A 195 -12.01 12.44 -3.67
N ALA A 196 -13.12 12.87 -3.07
CA ALA A 196 -14.37 13.10 -3.77
C ALA A 196 -15.31 13.93 -2.91
N ALA A 197 -16.44 14.33 -3.48
CA ALA A 197 -17.48 15.02 -2.72
C ALA A 197 -18.80 14.28 -2.84
N ASP A 198 -19.62 14.36 -1.80
CA ASP A 198 -20.96 13.77 -1.87
C ASP A 198 -21.95 14.73 -2.54
N ARG A 199 -23.23 14.39 -2.44
CA ARG A 199 -24.29 15.21 -3.03
C ARG A 199 -24.33 16.60 -2.41
N GLU A 200 -24.15 16.67 -1.09
CA GLU A 200 -24.19 17.94 -0.36
C GLU A 200 -22.95 18.79 -0.61
N GLY A 201 -21.92 18.19 -1.18
CA GLY A 201 -20.69 18.89 -1.49
C GLY A 201 -19.63 18.71 -0.42
N THR A 202 -19.91 17.83 0.54
CA THR A 202 -18.99 17.51 1.61
C THR A 202 -17.80 16.72 1.08
N LYS A 203 -16.60 17.21 1.36
CA LYS A 203 -15.35 16.55 0.97
C LYS A 203 -15.22 15.22 1.69
N ILE A 204 -14.98 14.15 0.95
CA ILE A 204 -14.75 12.86 1.57
C ILE A 204 -13.66 12.10 0.84
N ASN A 205 -13.26 10.96 1.39
CA ASN A 205 -12.31 10.09 0.72
C ASN A 205 -12.90 8.71 0.53
N LEU A 206 -12.74 8.18 -0.69
CA LEU A 206 -13.15 6.80 -1.00
C LEU A 206 -11.96 5.89 -0.94
N ALA A 207 -12.21 4.64 -0.57
CA ALA A 207 -11.16 3.66 -0.55
C ALA A 207 -11.76 2.28 -0.76
N VAL A 208 -10.93 1.35 -1.20
CA VAL A 208 -11.39 -0.02 -1.41
C VAL A 208 -10.43 -0.95 -0.69
N ALA A 209 -10.97 -2.02 -0.12
CA ALA A 209 -10.18 -2.96 0.65
C ALA A 209 -10.78 -4.35 0.55
N HIS A 210 -10.20 -5.32 1.26
CA HIS A 210 -10.57 -6.73 1.09
C HIS A 210 -12.06 -7.00 1.29
N MET A 211 -12.71 -6.18 2.12
CA MET A 211 -14.12 -6.42 2.45
C MET A 211 -15.09 -5.65 1.56
N GLY A 212 -14.59 -4.61 0.90
CA GLY A 212 -15.45 -3.78 0.07
C GLY A 212 -15.06 -2.33 0.07
N LEU A 213 -16.03 -1.42 -0.07
CA LEU A 213 -15.68 0.00 -0.19
C LEU A 213 -15.77 0.71 1.16
N GLN A 214 -14.94 1.73 1.33
CA GLN A 214 -15.00 2.54 2.54
C GLN A 214 -15.15 4.02 2.20
N VAL A 215 -15.77 4.75 3.11
CA VAL A 215 -15.97 6.17 2.96
C VAL A 215 -15.38 6.88 4.15
N PHE A 216 -14.49 7.83 3.89
CA PHE A 216 -13.87 8.60 4.96
C PHE A 216 -14.21 10.06 4.87
N GLN A 217 -14.40 10.69 6.03
CA GLN A 217 -14.45 12.14 6.11
C GLN A 217 -13.25 12.54 6.94
N GLY A 218 -12.27 13.18 6.29
CA GLY A 218 -10.99 13.39 6.91
C GLY A 218 -10.35 12.02 7.11
N HIS A 219 -9.93 11.71 8.33
CA HIS A 219 -9.32 10.41 8.63
C HIS A 219 -10.24 9.52 9.45
N THR A 220 -11.49 9.93 9.60
CA THR A 220 -12.46 9.13 10.32
C THR A 220 -13.40 8.43 9.33
N LYS A 221 -13.52 7.13 9.49
CA LYS A 221 -14.30 6.32 8.58
C LYS A 221 -15.78 6.47 8.89
N ILE A 222 -16.54 6.96 7.92
CA ILE A 222 -17.98 7.17 8.09
C ILE A 222 -18.81 5.94 7.71
N ASN A 223 -18.28 5.07 6.86
CA ASN A 223 -19.08 3.95 6.36
C ASN A 223 -18.31 2.87 5.65
N THR A 224 -18.84 1.65 5.69
CA THR A 224 -18.29 0.50 4.98
C THR A 224 -19.37 -0.28 4.24
N PHE A 225 -19.20 -0.41 2.93
CA PHE A 225 -20.13 -1.20 2.11
C PHE A 225 -19.48 -2.51 1.70
N ASN A 226 -19.90 -3.58 2.34
CA ASN A 226 -19.37 -4.91 2.06
C ASN A 226 -19.72 -5.30 0.65
N TRP A 227 -18.92 -6.20 0.06
CA TRP A 227 -19.20 -6.69 -1.28
C TRP A 227 -20.62 -7.24 -1.38
N SER A 228 -21.05 -7.95 -0.34
CA SER A 228 -22.38 -8.57 -0.33
C SER A 228 -23.50 -7.53 -0.47
N LYS A 229 -23.22 -6.31 0.00
CA LYS A 229 -24.21 -5.24 -0.06
C LYS A 229 -24.15 -4.42 -1.34
N ILE A 230 -23.12 -4.64 -2.15
CA ILE A 230 -22.97 -3.88 -3.40
C ILE A 230 -23.54 -4.62 -4.59
N ARG A 231 -24.55 -4.03 -5.24
CA ARG A 231 -25.12 -4.59 -6.47
C ARG A 231 -24.25 -4.28 -7.69
N LYS A 232 -23.81 -3.03 -7.83
CA LYS A 232 -23.07 -2.62 -9.02
C LYS A 232 -22.17 -1.41 -8.75
N LEU A 233 -21.01 -1.38 -9.39
CA LEU A 233 -20.17 -0.19 -9.34
C LEU A 233 -19.99 0.35 -10.74
N SER A 234 -20.09 1.66 -10.90
CA SER A 234 -19.90 2.26 -12.21
C SER A 234 -19.34 3.67 -12.08
N PHE A 235 -19.10 4.32 -13.22
CA PHE A 235 -18.77 5.73 -13.24
C PHE A 235 -19.30 6.42 -14.49
N LYS A 236 -19.86 7.61 -14.30
CA LYS A 236 -20.38 8.40 -15.39
C LYS A 236 -19.65 9.74 -15.43
N ARG A 237 -18.61 9.81 -16.26
CA ARG A 237 -17.70 10.96 -16.34
C ARG A 237 -17.03 11.20 -14.99
N LYS A 238 -17.30 12.32 -14.34
CA LYS A 238 -16.64 12.60 -13.06
C LYS A 238 -17.39 12.01 -11.87
N ARG A 239 -18.51 11.34 -12.13
CA ARG A 239 -19.33 10.78 -11.06
C ARG A 239 -19.02 9.30 -10.83
N PHE A 240 -18.81 8.91 -9.58
CA PHE A 240 -18.64 7.50 -9.24
C PHE A 240 -19.90 7.01 -8.54
N LEU A 241 -20.40 5.86 -8.95
CA LEU A 241 -21.72 5.40 -8.52
C LEU A 241 -21.66 4.05 -7.81
N ILE A 242 -22.18 4.02 -6.59
CA ILE A 242 -22.31 2.78 -5.84
C ILE A 242 -23.77 2.39 -5.72
N LYS A 243 -24.19 1.35 -6.43
CA LYS A 243 -25.55 0.85 -6.34
C LYS A 243 -25.64 -0.28 -5.31
N LEU A 244 -26.45 -0.07 -4.28
CA LEU A 244 -26.60 -1.04 -3.20
C LEU A 244 -27.80 -1.96 -3.43
N HIS A 245 -27.75 -3.17 -2.87
CA HIS A 245 -28.92 -4.02 -2.85
C HIS A 245 -29.98 -3.42 -1.95
N PRO A 246 -31.26 -3.59 -2.33
CA PRO A 246 -32.39 -3.08 -1.54
C PRO A 246 -32.41 -3.62 -0.11
N GLU A 247 -32.77 -2.76 0.84
CA GLU A 247 -32.69 -3.05 2.27
C GLU A 247 -31.27 -3.42 2.69
N PRO A 251 -33.03 1.74 0.83
CA PRO A 251 -33.73 0.64 0.16
C PRO A 251 -34.59 1.17 -0.99
N HIS A 252 -34.36 2.42 -1.37
CA HIS A 252 -35.28 3.10 -2.24
C HIS A 252 -34.49 4.18 -2.99
N GLN A 253 -33.62 4.86 -2.26
CA GLN A 253 -32.42 5.43 -2.87
C GLN A 253 -31.31 4.41 -2.64
N ASP A 254 -31.07 3.59 -3.66
CA ASP A 254 -30.11 2.50 -3.57
C ASP A 254 -28.80 2.89 -4.22
N THR A 255 -28.65 4.19 -4.47
CA THR A 255 -27.47 4.70 -5.14
C THR A 255 -26.80 5.80 -4.33
N LEU A 256 -25.50 5.67 -4.16
CA LEU A 256 -24.68 6.72 -3.56
C LEU A 256 -23.85 7.35 -4.66
N GLU A 257 -23.93 8.67 -4.75
CA GLU A 257 -23.18 9.39 -5.77
C GLU A 257 -22.02 10.14 -5.16
N PHE A 258 -20.84 10.00 -5.77
CA PHE A 258 -19.68 10.77 -5.36
C PHE A 258 -19.00 11.44 -6.55
N LEU A 259 -18.83 12.75 -6.44
CA LEU A 259 -18.17 13.53 -7.48
C LEU A 259 -16.67 13.53 -7.27
N MET A 260 -15.95 13.06 -8.28
CA MET A 260 -14.49 13.02 -8.18
C MET A 260 -13.87 14.12 -9.05
N GLY A 261 -12.54 14.23 -9.00
CA GLY A 261 -11.83 15.33 -9.63
C GLY A 261 -11.82 15.32 -11.15
N SER A 262 -11.52 14.16 -11.72
CA SER A 262 -11.56 14.00 -13.18
C SER A 262 -12.20 12.67 -13.56
N ARG A 263 -12.50 12.51 -14.85
CA ARG A 263 -13.03 11.26 -15.37
C ARG A 263 -11.99 10.15 -15.20
N ASP A 264 -10.73 10.49 -15.45
CA ASP A 264 -9.64 9.53 -15.32
C ASP A 264 -9.46 9.06 -13.87
N GLN A 265 -9.82 9.91 -12.92
CA GLN A 265 -9.73 9.55 -11.51
C GLN A 265 -10.86 8.61 -11.11
N CYS A 266 -12.04 8.85 -11.68
CA CYS A 266 -13.19 7.95 -11.51
C CYS A 266 -12.82 6.56 -11.98
N LYS A 267 -12.19 6.54 -13.14
CA LYS A 267 -11.88 5.35 -13.88
C LYS A 267 -10.81 4.55 -13.17
N ILE A 268 -9.79 5.23 -12.69
CA ILE A 268 -8.75 4.60 -11.90
C ILE A 268 -9.33 3.98 -10.63
N PHE A 269 -10.30 4.66 -10.02
CA PHE A 269 -10.83 4.13 -8.75
C PHE A 269 -11.78 2.97 -9.02
N TRP A 270 -12.53 3.10 -10.12
CA TRP A 270 -13.42 2.03 -10.56
C TRP A 270 -12.59 0.75 -10.84
N LYS A 271 -11.53 0.87 -11.65
CA LYS A 271 -10.65 -0.28 -11.92
C LYS A 271 -10.09 -0.89 -10.65
N ASN A 272 -9.65 -0.04 -9.74
CA ASN A 272 -9.13 -0.49 -8.45
C ASN A 272 -10.18 -1.31 -7.69
N CYS A 273 -11.43 -0.89 -7.79
CA CYS A 273 -12.50 -1.57 -7.08
C CYS A 273 -12.82 -2.92 -7.72
N VAL A 274 -12.90 -2.94 -9.04
CA VAL A 274 -13.18 -4.14 -9.79
C VAL A 274 -12.09 -5.21 -9.61
N GLU A 275 -10.84 -4.77 -9.66
CA GLU A 275 -9.68 -5.60 -9.34
C GLU A 275 -9.67 -6.15 -7.91
N HIS A 276 -10.03 -5.31 -6.92
CA HIS A 276 -10.14 -5.77 -5.55
C HIS A 276 -11.22 -6.81 -5.40
N HIS A 277 -12.39 -6.55 -5.99
CA HIS A 277 -13.50 -7.47 -5.90
C HIS A 277 -13.13 -8.82 -6.52
N SER A 278 -12.57 -8.75 -7.71
CA SER A 278 -12.12 -9.94 -8.40
C SER A 278 -11.07 -10.70 -7.56
N PHE A 279 -10.08 -9.98 -7.05
CA PHE A 279 -9.01 -10.63 -6.29
C PHE A 279 -9.56 -11.34 -5.04
N PHE A 280 -10.41 -10.64 -4.29
CA PHE A 280 -10.89 -11.18 -3.01
C PHE A 280 -12.17 -12.00 -3.03
N ARG A 281 -12.86 -12.05 -4.17
CA ARG A 281 -14.17 -12.73 -4.23
C ARG A 281 -14.32 -13.76 -5.35
N LEU A 282 -13.67 -13.52 -6.49
CA LEU A 282 -13.89 -14.40 -7.64
C LEU A 282 -12.75 -15.37 -7.85
N LEU A 283 -13.06 -16.59 -8.25
CA LEU A 283 -12.02 -17.52 -8.66
C LEU A 283 -11.71 -17.31 -10.15
N ASP A 284 -10.80 -16.37 -10.42
CA ASP A 284 -10.39 -15.97 -11.78
C ASP A 284 -11.55 -15.88 -12.77
#